data_8JMQ
#
_entry.id   8JMQ
#
_cell.length_a   105.974
_cell.length_b   105.974
_cell.length_c   105.974
_cell.angle_alpha   90.000
_cell.angle_beta   90.000
_cell.angle_gamma   90.000
#
_symmetry.space_group_name_H-M   'P 21 3'
#
loop_
_entity.id
_entity.type
_entity.pdbx_description
1 polymer 'Hinokiresinol synthase beta subunit'
2 polymer 'Hinokiresinol synthase alpha subunit'
3 water water
#
loop_
_entity_poly.entity_id
_entity_poly.type
_entity_poly.pdbx_seq_one_letter_code
_entity_poly.pdbx_strand_id
1 'polypeptide(L)'
;MGSSHHHHHHSSGLVPRGSHMMATVAKELPKVYTENTWMEERNGDRGMLKYPRELDITNVDDGKSWVWHSLVFGSIGRLG
MEAPKLMGTTHVEIRGDFKMSKLTPGLKYQAVLLCMKTDGNEGWDSCPLNVELNLPDGTTQKREVDLTKFPTDEFVMMVL
GYFEAVESGDITFSVVDTSDCVKKGFVVKDAALRPLPR
;
B
2 'polypeptide(L)'
;MDGQPELYAENSWREEMTGEKGILIYPRELEVVGGDDDSCWLWHSLILESQGQLGVEVPKLMGTKHVEVHGRWKISDLTP
GLKYQVLYMIMVEDPLEGWENCPLKLRVTLPDGSSQTQQVDLCKLPKGQLIMTVAGYFDCVGDGEVIFSVIETSDVVKKG
LVIKDAVIRPLPPMSLLLMN
;
A
#
# COMPACT_ATOMS: atom_id res chain seq x y z
N GLU A 28 5.36 -15.70 -19.04
CA GLU A 28 4.46 -15.47 -17.91
C GLU A 28 5.12 -15.92 -16.59
N LEU A 29 5.04 -15.06 -15.59
CA LEU A 29 5.81 -15.21 -14.36
C LEU A 29 5.19 -16.26 -13.43
N PRO A 30 6.00 -16.95 -12.64
CA PRO A 30 5.44 -17.75 -11.54
C PRO A 30 4.77 -16.82 -10.54
N LYS A 31 3.90 -17.39 -9.71
CA LYS A 31 3.04 -16.60 -8.84
C LYS A 31 3.46 -16.71 -7.38
N VAL A 32 3.24 -15.61 -6.66
CA VAL A 32 3.25 -15.60 -5.20
C VAL A 32 1.84 -15.20 -4.79
N TYR A 33 1.18 -16.04 -4.00
CA TYR A 33 -0.18 -15.76 -3.57
C TYR A 33 -0.19 -15.05 -2.23
N THR A 34 -1.15 -14.14 -2.04
CA THR A 34 -1.23 -13.34 -0.82
C THR A 34 -2.61 -13.45 -0.19
N GLU A 35 -2.69 -12.95 1.04
CA GLU A 35 -3.93 -12.66 1.74
C GLU A 35 -4.05 -11.14 1.88
N ASN A 36 -5.28 -10.65 2.03
CA ASN A 36 -5.46 -9.19 2.08
C ASN A 36 -5.28 -8.61 3.48
N THR A 37 -4.30 -9.10 4.23
CA THR A 37 -3.95 -8.54 5.53
C THR A 37 -2.44 -8.40 5.61
N TRP A 38 -1.98 -7.69 6.64
CA TRP A 38 -0.58 -7.61 6.93
C TRP A 38 -0.39 -7.53 8.44
N MET A 39 0.84 -7.75 8.88
CA MET A 39 1.11 -7.67 10.31
C MET A 39 2.44 -6.98 10.52
N GLU A 40 2.48 -6.15 11.57
CA GLU A 40 3.70 -5.46 11.94
C GLU A 40 4.62 -6.44 12.66
N GLU A 41 5.83 -6.59 12.14
CA GLU A 41 6.80 -7.51 12.72
C GLU A 41 7.06 -7.20 14.20
N ARG A 42 7.06 -5.92 14.56
CA ARG A 42 7.53 -5.52 15.88
C ARG A 42 6.57 -5.92 17.00
N ASN A 43 5.27 -6.11 16.70
CA ASN A 43 4.32 -6.35 17.78
C ASN A 43 3.12 -7.20 17.40
N GLY A 44 3.02 -7.68 16.15
CA GLY A 44 1.89 -8.49 15.72
C GLY A 44 0.64 -7.74 15.33
N ASP A 45 0.65 -6.40 15.39
CA ASP A 45 -0.53 -5.62 15.01
C ASP A 45 -0.88 -5.86 13.55
N ARG A 46 -2.18 -5.91 13.26
CA ARG A 46 -2.69 -6.36 11.97
C ARG A 46 -3.42 -5.23 11.25
N GLY A 47 -3.29 -5.19 9.92
CA GLY A 47 -4.10 -4.33 9.10
C GLY A 47 -4.83 -5.17 8.04
N MET A 48 -5.78 -4.54 7.36
CA MET A 48 -6.38 -5.26 6.27
C MET A 48 -6.82 -4.30 5.19
N LEU A 49 -6.96 -4.83 3.99
CA LEU A 49 -7.39 -3.98 2.90
C LEU A 49 -8.23 -4.78 1.91
N LYS A 50 -8.96 -4.06 1.07
CA LYS A 50 -9.74 -4.69 0.01
C LYS A 50 -9.50 -3.93 -1.28
N TYR A 51 -9.21 -4.66 -2.34
CA TYR A 51 -9.01 -4.06 -3.67
C TYR A 51 -10.35 -3.95 -4.39
N PRO A 52 -10.41 -3.25 -5.54
CA PRO A 52 -11.73 -2.85 -6.06
C PRO A 52 -12.65 -3.99 -6.45
N ARG A 53 -12.13 -5.14 -6.90
CA ARG A 53 -12.99 -6.28 -7.18
C ARG A 53 -13.55 -6.90 -5.90
N GLU A 54 -13.06 -6.50 -4.72
CA GLU A 54 -13.62 -6.94 -3.46
C GLU A 54 -14.58 -5.92 -2.84
N LEU A 55 -14.77 -4.77 -3.48
CA LEU A 55 -15.70 -3.74 -3.06
C LEU A 55 -17.02 -3.87 -3.82
N ASP A 56 -18.07 -3.24 -3.27
CA ASP A 56 -19.41 -3.25 -3.88
C ASP A 56 -19.65 -1.89 -4.53
N ILE A 57 -19.44 -1.81 -5.84
CA ILE A 57 -19.53 -0.56 -6.57
C ILE A 57 -20.74 -0.66 -7.48
N THR A 58 -21.76 0.17 -7.22
CA THR A 58 -23.00 0.10 -7.98
C THR A 58 -22.76 0.47 -9.44
N ASN A 59 -23.28 -0.37 -10.34
CA ASN A 59 -23.23 -0.16 -11.79
C ASN A 59 -21.82 -0.24 -12.35
N VAL A 60 -20.88 -0.83 -11.62
CA VAL A 60 -19.48 -0.83 -12.07
C VAL A 60 -19.28 -1.64 -13.35
N ASP A 61 -20.20 -2.55 -13.67
CA ASP A 61 -20.08 -3.33 -14.90
C ASP A 61 -21.10 -2.92 -15.96
N ASP A 62 -21.62 -1.70 -15.89
CA ASP A 62 -22.62 -1.28 -16.87
C ASP A 62 -22.01 -0.78 -18.17
N GLY A 63 -20.68 -0.71 -18.28
CA GLY A 63 -20.03 -0.33 -19.51
C GLY A 63 -19.96 1.16 -19.79
N LYS A 64 -20.51 2.00 -18.91
CA LYS A 64 -20.61 3.43 -19.17
C LYS A 64 -20.26 4.25 -17.93
N SER A 65 -20.89 3.95 -16.80
CA SER A 65 -20.65 4.74 -15.58
C SER A 65 -19.19 4.64 -15.14
N TRP A 66 -18.66 3.42 -15.13
CA TRP A 66 -17.29 3.10 -14.78
C TRP A 66 -16.69 2.30 -15.91
N VAL A 67 -15.37 2.42 -16.09
CA VAL A 67 -14.63 1.57 -17.01
C VAL A 67 -13.41 1.01 -16.28
N TRP A 68 -13.23 -0.30 -16.34
CA TRP A 68 -12.10 -0.94 -15.68
C TRP A 68 -10.83 -0.67 -16.48
N HIS A 69 -9.82 -0.12 -15.80
CA HIS A 69 -8.52 0.15 -16.37
C HIS A 69 -7.48 -0.78 -15.76
N SER A 70 -6.38 -0.95 -16.49
CA SER A 70 -5.17 -1.55 -15.96
C SER A 70 -4.35 -0.43 -15.34
N LEU A 71 -4.34 -0.38 -14.00
CA LEU A 71 -3.67 0.68 -13.24
C LEU A 71 -2.21 0.32 -13.04
N VAL A 72 -1.30 1.09 -13.65
CA VAL A 72 0.11 0.71 -13.76
C VAL A 72 0.94 1.66 -12.91
N PHE A 73 1.47 1.14 -11.79
CA PHE A 73 2.42 1.86 -10.96
C PHE A 73 3.83 1.39 -11.31
N GLY A 74 4.79 2.31 -11.20
CA GLY A 74 6.16 1.96 -11.49
C GLY A 74 6.55 2.27 -12.93
N SER A 75 7.85 2.18 -13.19
CA SER A 75 8.40 2.58 -14.48
C SER A 75 9.12 1.47 -15.23
N ILE A 76 9.59 0.44 -14.54
CA ILE A 76 10.24 -0.71 -15.18
C ILE A 76 9.62 -1.98 -14.61
N GLY A 77 9.57 -3.02 -15.44
CA GLY A 77 8.94 -4.28 -15.07
C GLY A 77 7.50 -4.13 -14.64
N ARG A 78 6.73 -3.38 -15.41
CA ARG A 78 5.41 -2.91 -15.01
C ARG A 78 4.32 -3.95 -15.28
N LEU A 79 3.51 -4.21 -14.25
CA LEU A 79 2.28 -4.98 -14.36
C LEU A 79 1.16 -4.09 -13.84
N GLY A 80 -0.05 -4.29 -14.35
CA GLY A 80 -1.19 -3.51 -13.92
C GLY A 80 -2.08 -4.25 -12.93
N MET A 81 -2.81 -3.47 -12.14
CA MET A 81 -3.94 -3.97 -11.36
C MET A 81 -5.25 -3.46 -11.94
N GLU A 82 -6.29 -4.30 -11.88
CA GLU A 82 -7.57 -3.92 -12.45
C GLU A 82 -8.27 -2.97 -11.49
N ALA A 83 -8.55 -1.74 -11.94
CA ALA A 83 -9.17 -0.72 -11.10
C ALA A 83 -10.18 0.10 -11.90
N PRO A 84 -11.28 0.49 -11.29
CA PRO A 84 -12.34 1.22 -12.02
C PRO A 84 -12.13 2.73 -12.02
N LYS A 85 -12.41 3.33 -13.18
CA LYS A 85 -12.37 4.78 -13.34
C LYS A 85 -13.77 5.29 -13.66
N LEU A 86 -14.20 6.33 -12.94
CA LEU A 86 -15.53 6.90 -13.12
C LEU A 86 -15.55 7.70 -14.40
N MET A 87 -16.43 7.33 -15.33
CA MET A 87 -16.44 7.90 -16.66
C MET A 87 -17.57 8.88 -16.90
N GLY A 88 -18.61 8.87 -16.06
CA GLY A 88 -19.72 9.78 -16.24
C GLY A 88 -21.03 9.19 -15.80
N THR A 89 -21.50 9.60 -14.61
CA THR A 89 -22.79 9.15 -14.10
C THR A 89 -23.20 10.10 -12.99
N THR A 90 -24.51 10.16 -12.74
CA THR A 90 -25.01 10.85 -11.57
C THR A 90 -25.02 9.98 -10.33
N HIS A 91 -24.89 8.66 -10.48
CA HIS A 91 -25.04 7.71 -9.38
C HIS A 91 -23.68 7.11 -9.00
N VAL A 92 -23.04 7.66 -7.97
CA VAL A 92 -21.78 7.16 -7.43
C VAL A 92 -22.08 6.48 -6.10
N GLU A 93 -21.81 5.18 -6.02
CA GLU A 93 -22.11 4.47 -4.78
C GLU A 93 -21.05 3.39 -4.59
N ILE A 94 -20.18 3.58 -3.60
CA ILE A 94 -19.07 2.69 -3.32
C ILE A 94 -19.21 2.18 -1.89
N ARG A 95 -19.20 0.86 -1.72
CA ARG A 95 -19.43 0.27 -0.42
C ARG A 95 -18.44 -0.86 -0.17
N GLY A 96 -18.13 -1.11 1.09
CA GLY A 96 -17.31 -2.25 1.45
C GLY A 96 -17.53 -2.65 2.89
N ASP A 97 -16.97 -3.80 3.25
CA ASP A 97 -17.13 -4.31 4.60
C ASP A 97 -15.87 -5.06 5.02
N PHE A 98 -15.70 -5.15 6.34
CA PHE A 98 -14.53 -5.76 6.96
C PHE A 98 -14.96 -6.49 8.22
N LYS A 99 -14.25 -7.55 8.56
CA LYS A 99 -14.47 -8.30 9.80
C LYS A 99 -13.54 -7.78 10.90
N MET A 100 -14.16 -7.28 11.98
CA MET A 100 -13.44 -6.92 13.21
C MET A 100 -12.48 -8.02 13.66
N SER A 101 -12.91 -9.28 13.54
CA SER A 101 -12.13 -10.41 14.05
C SER A 101 -10.79 -10.57 13.35
N LYS A 102 -10.61 -9.93 12.21
CA LYS A 102 -9.32 -9.96 11.53
C LYS A 102 -8.37 -8.87 12.00
N LEU A 103 -8.81 -7.99 12.92
CA LEU A 103 -8.00 -6.90 13.43
C LEU A 103 -7.42 -7.24 14.81
N THR A 104 -6.62 -6.32 15.35
CA THR A 104 -6.00 -6.49 16.66
C THR A 104 -6.89 -5.84 17.72
N PRO A 105 -7.47 -6.61 18.64
CA PRO A 105 -8.35 -6.00 19.66
C PRO A 105 -7.62 -4.94 20.47
N GLY A 106 -8.32 -3.83 20.73
CA GLY A 106 -7.78 -2.75 21.53
C GLY A 106 -6.91 -1.75 20.79
N LEU A 107 -6.52 -2.03 19.54
CA LEU A 107 -5.67 -1.14 18.78
C LEU A 107 -6.50 -0.07 18.08
N LYS A 108 -5.93 1.14 17.97
CA LYS A 108 -6.58 2.25 17.28
C LYS A 108 -6.27 2.20 15.79
N TYR A 109 -7.31 2.33 14.97
CA TYR A 109 -7.23 2.18 13.53
C TYR A 109 -7.71 3.45 12.84
N GLN A 110 -7.20 3.66 11.64
CA GLN A 110 -7.74 4.64 10.71
C GLN A 110 -8.24 3.90 9.47
N ALA A 111 -9.49 4.17 9.08
CA ALA A 111 -10.09 3.60 7.88
C ALA A 111 -9.91 4.58 6.72
N VAL A 112 -9.45 4.08 5.56
CA VAL A 112 -9.14 4.95 4.43
C VAL A 112 -9.62 4.33 3.12
N LEU A 113 -9.90 5.20 2.14
CA LEU A 113 -10.09 4.83 0.75
C LEU A 113 -9.00 5.49 -0.09
N LEU A 114 -8.15 4.70 -0.71
CA LEU A 114 -7.11 5.23 -1.59
C LEU A 114 -7.75 5.47 -2.95
N CYS A 115 -7.89 6.75 -3.33
CA CYS A 115 -8.58 7.09 -4.56
C CYS A 115 -7.91 8.32 -5.17
N MET A 116 -8.25 8.59 -6.44
CA MET A 116 -7.60 9.65 -7.20
C MET A 116 -8.59 10.41 -8.06
N LYS A 117 -8.55 11.74 -7.97
CA LYS A 117 -9.26 12.60 -8.92
C LYS A 117 -8.36 12.89 -10.10
N THR A 118 -8.83 12.59 -11.31
CA THR A 118 -7.98 12.62 -12.48
C THR A 118 -8.16 13.93 -13.27
N ASP A 119 -7.21 14.19 -14.15
CA ASP A 119 -7.33 15.31 -15.08
C ASP A 119 -8.58 15.14 -15.94
N GLY A 120 -9.31 16.24 -16.12
CA GLY A 120 -10.57 16.19 -16.84
C GLY A 120 -11.79 15.86 -16.00
N ASN A 121 -11.66 15.85 -14.68
CA ASN A 121 -12.79 15.51 -13.81
C ASN A 121 -13.90 16.55 -13.98
N GLU A 122 -15.14 16.11 -13.75
CA GLU A 122 -16.30 16.97 -13.90
C GLU A 122 -17.33 16.65 -12.83
N GLY A 123 -18.13 17.66 -12.48
CA GLY A 123 -19.27 17.48 -11.62
C GLY A 123 -19.02 17.63 -10.14
N TRP A 124 -17.78 17.85 -9.71
CA TRP A 124 -17.45 17.84 -8.29
C TRP A 124 -17.63 19.20 -7.63
N ASP A 125 -17.87 20.26 -8.40
CA ASP A 125 -17.99 21.61 -7.83
C ASP A 125 -19.11 21.70 -6.80
N SER A 126 -20.28 21.13 -7.11
CA SER A 126 -21.43 21.27 -6.21
C SER A 126 -21.92 19.93 -5.68
N CYS A 127 -21.14 18.86 -5.81
CA CYS A 127 -21.55 17.54 -5.31
C CYS A 127 -20.44 16.97 -4.43
N PRO A 128 -20.56 17.12 -3.11
CA PRO A 128 -19.63 16.44 -2.22
C PRO A 128 -19.96 14.97 -2.11
N LEU A 129 -18.92 14.15 -1.89
CA LEU A 129 -19.14 12.76 -1.57
C LEU A 129 -19.56 12.65 -0.11
N ASN A 130 -20.64 11.92 0.16
CA ASN A 130 -21.04 11.60 1.52
C ASN A 130 -20.36 10.31 1.96
N VAL A 131 -19.61 10.38 3.05
CA VAL A 131 -18.81 9.26 3.55
C VAL A 131 -19.38 8.83 4.89
N GLU A 132 -19.53 7.52 5.09
CA GLU A 132 -19.99 6.96 6.34
C GLU A 132 -19.15 5.74 6.70
N LEU A 133 -18.76 5.64 7.97
CA LEU A 133 -18.14 4.44 8.52
C LEU A 133 -19.03 3.93 9.65
N ASN A 134 -19.50 2.69 9.51
CA ASN A 134 -20.44 2.09 10.45
C ASN A 134 -19.73 1.02 11.27
N LEU A 135 -19.79 1.15 12.59
CA LEU A 135 -19.11 0.31 13.56
C LEU A 135 -20.07 -0.71 14.16
N PRO A 136 -19.55 -1.85 14.64
CA PRO A 136 -20.44 -2.91 15.14
C PRO A 136 -21.28 -2.50 16.35
N ASP A 137 -20.83 -1.53 17.13
CA ASP A 137 -21.63 -1.03 18.25
C ASP A 137 -22.85 -0.17 17.81
N GLY A 138 -23.14 -0.09 16.51
CA GLY A 138 -24.24 0.71 16.02
C GLY A 138 -23.92 2.16 15.70
N THR A 139 -22.73 2.64 16.08
CA THR A 139 -22.41 4.04 15.83
C THR A 139 -21.96 4.24 14.38
N THR A 140 -22.13 5.47 13.90
CA THR A 140 -21.84 5.82 12.51
C THR A 140 -21.13 7.15 12.46
N GLN A 141 -20.01 7.21 11.73
CA GLN A 141 -19.27 8.44 11.51
C GLN A 141 -19.56 8.95 10.10
N LYS A 142 -19.95 10.21 10.00
CA LYS A 142 -20.35 10.79 8.73
C LYS A 142 -19.50 12.01 8.44
N ARG A 143 -19.21 12.23 7.16
CA ARG A 143 -18.54 13.46 6.71
C ARG A 143 -18.84 13.67 5.24
N GLU A 144 -18.72 14.92 4.81
N GLU A 144 -18.72 14.92 4.81
CA GLU A 144 -18.87 15.29 3.40
CA GLU A 144 -18.87 15.29 3.40
C GLU A 144 -17.50 15.69 2.87
C GLU A 144 -17.50 15.70 2.86
N VAL A 145 -17.13 15.15 1.71
CA VAL A 145 -15.81 15.35 1.12
C VAL A 145 -15.95 16.21 -0.13
N ASP A 146 -15.22 17.32 -0.17
CA ASP A 146 -15.20 18.23 -1.32
C ASP A 146 -14.05 17.81 -2.24
N LEU A 147 -14.39 17.11 -3.34
CA LEU A 147 -13.36 16.55 -4.19
C LEU A 147 -12.60 17.61 -4.97
N THR A 148 -13.15 18.82 -5.10
CA THR A 148 -12.38 19.88 -5.73
C THR A 148 -11.12 20.22 -4.95
N LYS A 149 -11.09 19.96 -3.64
CA LYS A 149 -9.89 20.19 -2.85
C LYS A 149 -8.83 19.10 -3.00
N PHE A 150 -9.14 17.98 -3.64
CA PHE A 150 -8.12 16.97 -3.86
C PHE A 150 -7.13 17.45 -4.92
N PRO A 151 -5.86 17.04 -4.83
CA PRO A 151 -4.94 17.28 -5.95
C PRO A 151 -5.38 16.49 -7.18
N THR A 152 -4.88 16.93 -8.34
CA THR A 152 -5.21 16.26 -9.59
C THR A 152 -4.12 15.24 -9.93
N ASP A 153 -4.55 14.03 -10.31
CA ASP A 153 -3.68 12.97 -10.81
C ASP A 153 -2.69 12.45 -9.77
N GLU A 154 -3.02 12.54 -8.49
N GLU A 154 -3.02 12.54 -8.48
CA GLU A 154 -2.26 11.82 -7.48
CA GLU A 154 -2.27 11.86 -7.45
C GLU A 154 -3.24 11.21 -6.48
C GLU A 154 -3.25 11.21 -6.50
N PHE A 155 -2.88 10.03 -5.98
CA PHE A 155 -3.76 9.32 -5.07
C PHE A 155 -3.78 10.02 -3.71
N VAL A 156 -4.93 9.99 -3.08
CA VAL A 156 -5.17 10.58 -1.77
C VAL A 156 -5.69 9.49 -0.86
N MET A 157 -5.25 9.51 0.39
CA MET A 157 -5.79 8.60 1.40
C MET A 157 -7.00 9.28 2.03
N MET A 158 -8.17 9.08 1.44
CA MET A 158 -9.39 9.69 1.95
C MET A 158 -9.77 9.03 3.27
N VAL A 159 -10.05 9.83 4.29
CA VAL A 159 -10.29 9.31 5.62
C VAL A 159 -11.76 8.95 5.75
N LEU A 160 -12.03 7.66 5.98
CA LEU A 160 -13.40 7.22 6.25
C LEU A 160 -13.74 7.33 7.72
N GLY A 161 -12.77 7.16 8.61
CA GLY A 161 -13.05 7.29 10.03
C GLY A 161 -11.94 6.69 10.87
N TYR A 162 -12.22 6.65 12.18
CA TYR A 162 -11.28 6.18 13.19
C TYR A 162 -12.02 5.31 14.19
N PHE A 163 -11.36 4.27 14.68
CA PHE A 163 -12.00 3.42 15.68
C PHE A 163 -10.95 2.62 16.42
N GLU A 164 -11.37 2.02 17.53
CA GLU A 164 -10.57 1.05 18.26
C GLU A 164 -11.20 -0.33 18.06
N ALA A 165 -10.39 -1.29 17.62
CA ALA A 165 -10.93 -2.59 17.26
C ALA A 165 -11.41 -3.36 18.50
N VAL A 166 -12.43 -4.19 18.30
CA VAL A 166 -12.93 -5.10 19.32
C VAL A 166 -12.83 -6.52 18.77
N GLU A 167 -13.41 -7.49 19.48
CA GLU A 167 -13.19 -8.88 19.16
C GLU A 167 -13.98 -9.33 17.94
N SER A 168 -15.19 -8.81 17.75
CA SER A 168 -16.07 -9.29 16.68
C SER A 168 -16.90 -8.13 16.16
N GLY A 169 -17.65 -8.39 15.11
CA GLY A 169 -18.52 -7.40 14.49
C GLY A 169 -18.12 -7.10 13.07
N ASP A 170 -19.04 -6.43 12.38
CA ASP A 170 -18.87 -6.06 10.98
C ASP A 170 -18.64 -4.56 10.89
N ILE A 171 -17.58 -4.17 10.18
CA ILE A 171 -17.36 -2.78 9.82
C ILE A 171 -17.83 -2.60 8.38
N THR A 172 -18.66 -1.59 8.15
CA THR A 172 -19.08 -1.23 6.80
C THR A 172 -18.78 0.23 6.54
N PHE A 173 -18.58 0.58 5.27
CA PHE A 173 -18.40 1.95 4.86
C PHE A 173 -19.14 2.19 3.55
N SER A 174 -19.44 3.44 3.29
CA SER A 174 -20.04 3.85 2.03
C SER A 174 -19.47 5.20 1.63
N VAL A 175 -19.26 5.40 0.33
CA VAL A 175 -18.90 6.69 -0.25
C VAL A 175 -19.89 6.91 -1.38
N VAL A 176 -20.77 7.92 -1.25
CA VAL A 176 -21.96 7.99 -2.09
C VAL A 176 -22.25 9.43 -2.51
N ASP A 177 -22.58 9.62 -3.78
CA ASP A 177 -23.39 10.77 -4.19
C ASP A 177 -24.26 10.40 -5.37
N THR A 178 -25.56 10.68 -5.24
CA THR A 178 -26.51 10.37 -6.31
C THR A 178 -27.23 11.62 -6.83
N SER A 179 -26.64 12.80 -6.61
CA SER A 179 -27.24 14.07 -7.02
C SER A 179 -27.22 14.22 -8.54
N ASP A 180 -28.00 15.20 -9.02
CA ASP A 180 -28.23 15.38 -10.45
C ASP A 180 -26.98 15.71 -11.25
N CYS A 181 -25.88 16.08 -10.61
CA CYS A 181 -24.68 16.45 -11.34
C CYS A 181 -23.97 15.21 -11.91
N VAL A 182 -23.55 15.29 -13.17
CA VAL A 182 -22.88 14.18 -13.82
C VAL A 182 -21.41 14.19 -13.39
N LYS A 183 -20.99 13.11 -12.72
CA LYS A 183 -19.66 13.06 -12.12
C LYS A 183 -18.71 12.21 -12.95
N LYS A 184 -17.47 12.67 -13.04
CA LYS A 184 -16.43 12.14 -13.93
C LYS A 184 -15.08 12.23 -13.25
N GLY A 185 -14.21 11.26 -13.53
CA GLY A 185 -12.80 11.40 -13.27
C GLY A 185 -12.36 11.07 -11.85
N PHE A 186 -12.52 9.80 -11.46
CA PHE A 186 -12.28 9.35 -10.10
C PHE A 186 -11.90 7.87 -10.16
N VAL A 187 -10.76 7.50 -9.59
CA VAL A 187 -10.25 6.13 -9.63
C VAL A 187 -10.17 5.59 -8.20
N VAL A 188 -10.55 4.33 -8.01
CA VAL A 188 -10.48 3.66 -6.72
C VAL A 188 -9.34 2.65 -6.76
N LYS A 189 -8.39 2.76 -5.81
CA LYS A 189 -7.32 1.76 -5.70
C LYS A 189 -7.63 0.66 -4.68
N ASP A 190 -7.94 1.04 -3.44
CA ASP A 190 -8.27 0.06 -2.41
C ASP A 190 -8.88 0.79 -1.23
N ALA A 191 -9.48 0.02 -0.33
CA ALA A 191 -9.93 0.49 0.97
C ALA A 191 -9.12 -0.24 2.02
N ALA A 192 -8.76 0.44 3.10
CA ALA A 192 -7.87 -0.19 4.06
C ALA A 192 -8.24 0.19 5.49
N LEU A 193 -7.99 -0.72 6.41
CA LEU A 193 -8.05 -0.45 7.83
C LEU A 193 -6.61 -0.56 8.36
N ARG A 194 -5.99 0.59 8.64
CA ARG A 194 -4.60 0.50 9.05
C ARG A 194 -4.42 0.93 10.49
N PRO A 195 -3.52 0.28 11.23
CA PRO A 195 -3.10 0.84 12.52
C PRO A 195 -2.59 2.26 12.31
N LEU A 196 -2.84 3.13 13.30
CA LEU A 196 -2.31 4.49 13.21
C LEU A 196 -0.82 4.44 12.89
N PRO A 197 -0.33 5.24 11.95
CA PRO A 197 1.10 5.24 11.64
C PRO A 197 1.92 5.69 12.84
N ARG A 198 2.94 4.92 13.15
CA ARG A 198 3.87 5.25 14.26
C ARG A 198 5.14 4.41 14.13
N GLY B 3 -11.45 -4.34 -19.94
CA GLY B 3 -10.51 -4.16 -18.85
C GLY B 3 -9.12 -3.85 -19.37
N GLN B 4 -9.07 -3.25 -20.55
CA GLN B 4 -7.84 -3.07 -21.31
C GLN B 4 -7.21 -1.68 -21.24
N PRO B 5 -7.94 -0.56 -21.18
CA PRO B 5 -7.24 0.74 -21.21
C PRO B 5 -6.30 0.86 -20.02
N GLU B 6 -5.08 1.31 -20.30
CA GLU B 6 -4.07 1.44 -19.27
C GLU B 6 -4.12 2.83 -18.64
N LEU B 7 -3.79 2.88 -17.36
CA LEU B 7 -3.75 4.14 -16.63
C LEU B 7 -2.44 4.17 -15.87
N TYR B 8 -1.49 5.01 -16.30
CA TYR B 8 -0.21 5.10 -15.62
C TYR B 8 -0.31 6.14 -14.51
N ALA B 9 0.25 5.81 -13.34
CA ALA B 9 0.08 6.68 -12.17
C ALA B 9 1.34 6.67 -11.33
N GLU B 10 1.57 7.81 -10.66
CA GLU B 10 2.71 7.93 -9.76
C GLU B 10 2.48 7.02 -8.55
N ASN B 11 3.55 6.35 -8.09
CA ASN B 11 3.45 5.44 -6.94
C ASN B 11 3.66 6.23 -5.65
N SER B 12 2.60 6.92 -5.25
CA SER B 12 2.67 7.80 -4.10
C SER B 12 1.25 8.04 -3.61
N TRP B 13 1.15 8.71 -2.47
CA TRP B 13 -0.14 9.19 -1.98
C TRP B 13 0.08 10.47 -1.18
N ARG B 14 -1.03 11.18 -0.95
CA ARG B 14 -1.04 12.36 -0.11
C ARG B 14 -2.08 12.16 0.98
N GLU B 15 -1.70 12.47 2.23
CA GLU B 15 -2.68 12.46 3.30
C GLU B 15 -3.74 13.52 3.04
N GLU B 16 -5.00 13.18 3.31
CA GLU B 16 -6.08 14.05 2.87
C GLU B 16 -6.11 15.37 3.64
N MET B 17 -6.07 15.29 4.97
CA MET B 17 -6.32 16.51 5.75
C MET B 17 -5.14 17.47 5.68
N THR B 18 -3.93 16.95 5.68
CA THR B 18 -2.74 17.76 5.91
C THR B 18 -1.76 17.77 4.75
N GLY B 19 -1.95 16.93 3.73
CA GLY B 19 -1.24 17.07 2.47
C GLY B 19 0.11 16.38 2.37
N GLU B 20 0.56 15.69 3.41
CA GLU B 20 1.90 15.10 3.39
C GLU B 20 1.99 13.99 2.37
N LYS B 21 3.17 13.84 1.76
CA LYS B 21 3.38 12.89 0.68
C LYS B 21 4.03 11.61 1.19
N GLY B 22 3.51 10.47 0.76
CA GLY B 22 4.13 9.18 1.01
C GLY B 22 4.52 8.53 -0.30
N ILE B 23 5.52 7.66 -0.26
CA ILE B 23 6.09 7.03 -1.45
C ILE B 23 6.05 5.53 -1.28
N LEU B 24 5.66 4.82 -2.34
CA LEU B 24 5.87 3.38 -2.48
C LEU B 24 6.90 3.13 -3.56
N ILE B 25 7.80 2.18 -3.33
CA ILE B 25 8.81 1.80 -4.31
C ILE B 25 8.68 0.30 -4.54
N TYR B 26 8.27 -0.08 -5.74
CA TYR B 26 8.19 -1.49 -6.09
C TYR B 26 9.59 -2.06 -6.35
N PRO B 27 9.81 -3.35 -6.14
CA PRO B 27 11.19 -3.88 -6.16
C PRO B 27 11.89 -3.80 -7.51
N ARG B 28 11.17 -3.72 -8.64
CA ARG B 28 11.86 -3.52 -9.90
C ARG B 28 12.58 -2.18 -9.94
N GLU B 29 12.22 -1.25 -9.07
CA GLU B 29 12.89 0.04 -8.95
C GLU B 29 13.90 0.08 -7.81
N LEU B 30 14.07 -1.01 -7.08
CA LEU B 30 15.16 -1.13 -6.12
C LEU B 30 16.41 -1.67 -6.82
N GLU B 31 17.55 -1.56 -6.14
CA GLU B 31 18.80 -2.14 -6.61
C GLU B 31 18.97 -3.48 -5.92
N VAL B 32 18.77 -4.56 -6.67
CA VAL B 32 18.83 -5.91 -6.13
C VAL B 32 20.10 -6.56 -6.67
N VAL B 33 21.10 -6.74 -5.81
CA VAL B 33 22.34 -7.39 -6.23
C VAL B 33 22.05 -8.83 -6.63
N GLY B 34 22.46 -9.19 -7.84
CA GLY B 34 22.11 -10.49 -8.37
C GLY B 34 20.67 -10.63 -8.78
N GLY B 35 19.94 -9.52 -8.88
CA GLY B 35 18.53 -9.56 -9.25
C GLY B 35 18.27 -10.08 -10.64
N ASP B 36 19.27 -10.03 -11.53
CA ASP B 36 19.12 -10.55 -12.88
C ASP B 36 19.53 -12.01 -12.99
N ASP B 37 19.85 -12.67 -11.88
CA ASP B 37 20.33 -14.05 -11.88
C ASP B 37 19.27 -14.93 -11.20
N ASP B 38 18.61 -15.79 -11.99
CA ASP B 38 17.50 -16.60 -11.47
C ASP B 38 17.94 -17.59 -10.39
N SER B 39 19.23 -17.93 -10.33
CA SER B 39 19.66 -18.76 -9.21
C SER B 39 19.81 -17.95 -7.92
N CYS B 40 19.75 -16.62 -7.99
CA CYS B 40 19.76 -15.76 -6.81
C CYS B 40 18.35 -15.27 -6.50
N TRP B 41 17.73 -14.56 -7.43
CA TRP B 41 16.37 -14.04 -7.26
C TRP B 41 15.55 -14.43 -8.48
N LEU B 42 14.35 -14.97 -8.24
CA LEU B 42 13.43 -15.32 -9.31
C LEU B 42 12.19 -14.45 -9.19
N TRP B 43 11.83 -13.76 -10.29
CA TRP B 43 10.81 -12.73 -10.22
C TRP B 43 9.42 -13.33 -10.43
N HIS B 44 8.47 -12.94 -9.58
CA HIS B 44 7.13 -13.49 -9.55
C HIS B 44 6.09 -12.40 -9.75
N SER B 45 4.89 -12.78 -10.14
CA SER B 45 3.75 -11.88 -10.12
C SER B 45 2.99 -12.08 -8.81
N LEU B 46 2.68 -10.96 -8.14
CA LEU B 46 1.95 -11.00 -6.88
C LEU B 46 0.45 -11.11 -7.14
N ILE B 47 -0.19 -12.14 -6.59
CA ILE B 47 -1.61 -12.43 -6.83
C ILE B 47 -2.38 -12.38 -5.52
N LEU B 48 -3.56 -11.79 -5.55
CA LEU B 48 -4.58 -11.96 -4.52
C LEU B 48 -5.79 -12.59 -5.21
N GLU B 49 -6.12 -13.83 -4.82
CA GLU B 49 -7.08 -14.62 -5.59
C GLU B 49 -8.39 -13.86 -5.86
N SER B 50 -8.91 -13.17 -4.86
CA SER B 50 -10.20 -12.50 -5.01
C SER B 50 -10.12 -11.23 -5.88
N GLN B 51 -8.93 -10.73 -6.18
CA GLN B 51 -8.76 -9.56 -7.03
C GLN B 51 -8.13 -9.90 -8.37
N GLY B 52 -7.14 -10.78 -8.38
CA GLY B 52 -6.36 -11.03 -9.58
C GLY B 52 -4.95 -10.55 -9.33
N GLN B 53 -4.21 -10.18 -10.37
CA GLN B 53 -2.86 -9.70 -10.14
C GLN B 53 -2.90 -8.35 -9.44
N LEU B 54 -1.99 -8.16 -8.51
CA LEU B 54 -1.91 -6.90 -7.80
C LEU B 54 -1.04 -5.90 -8.53
N GLY B 55 -0.45 -6.28 -9.66
CA GLY B 55 0.37 -5.39 -10.44
C GLY B 55 1.77 -5.16 -9.92
N VAL B 56 2.38 -6.17 -9.29
CA VAL B 56 3.71 -6.02 -8.69
C VAL B 56 4.53 -7.25 -9.05
N GLU B 57 5.68 -7.04 -9.70
CA GLU B 57 6.65 -8.11 -9.87
C GLU B 57 7.54 -8.13 -8.64
N VAL B 58 7.59 -9.28 -7.96
CA VAL B 58 8.30 -9.38 -6.67
C VAL B 58 9.38 -10.45 -6.78
N PRO B 59 10.55 -10.19 -6.19
CA PRO B 59 11.65 -11.16 -6.28
C PRO B 59 11.61 -12.12 -5.11
N LYS B 60 11.85 -13.40 -5.40
CA LYS B 60 11.95 -14.42 -4.38
C LYS B 60 13.36 -14.98 -4.33
N LEU B 61 13.93 -15.05 -3.14
CA LEU B 61 15.30 -15.54 -2.97
C LEU B 61 15.37 -17.05 -3.20
N MET B 62 16.27 -17.46 -4.08
CA MET B 62 16.31 -18.85 -4.53
C MET B 62 17.53 -19.63 -4.03
N GLY B 63 18.47 -18.99 -3.34
CA GLY B 63 19.64 -19.72 -2.91
C GLY B 63 20.93 -18.99 -3.22
N THR B 64 21.24 -17.98 -2.43
CA THR B 64 22.50 -17.26 -2.58
C THR B 64 22.99 -16.85 -1.19
N LYS B 65 24.31 -16.71 -1.06
CA LYS B 65 24.87 -16.21 0.19
C LYS B 65 24.77 -14.69 0.33
N HIS B 66 24.54 -13.98 -0.78
CA HIS B 66 24.67 -12.53 -0.79
C HIS B 66 23.30 -11.89 -0.98
N VAL B 67 22.69 -11.44 0.11
CA VAL B 67 21.41 -10.71 0.07
C VAL B 67 21.73 -9.23 0.23
N GLU B 68 21.48 -8.43 -0.82
CA GLU B 68 21.75 -7.00 -0.74
C GLU B 68 20.75 -6.25 -1.63
N VAL B 69 19.88 -5.46 -1.00
CA VAL B 69 18.86 -4.70 -1.71
C VAL B 69 18.91 -3.26 -1.22
N HIS B 70 18.98 -2.29 -2.16
CA HIS B 70 19.07 -0.88 -1.82
C HIS B 70 17.96 -0.09 -2.50
N GLY B 71 17.33 0.80 -1.75
CA GLY B 71 16.49 1.83 -2.35
C GLY B 71 17.03 3.20 -2.00
N ARG B 72 16.62 4.24 -2.73
CA ARG B 72 17.04 5.59 -2.40
C ARG B 72 15.97 6.58 -2.83
N TRP B 73 15.91 7.72 -2.14
CA TRP B 73 14.93 8.75 -2.45
C TRP B 73 15.50 10.13 -2.08
N LYS B 74 15.16 11.14 -2.89
CA LYS B 74 15.54 12.53 -2.62
C LYS B 74 14.76 13.05 -1.41
N ILE B 75 15.49 13.40 -0.35
CA ILE B 75 14.83 13.93 0.84
C ILE B 75 14.07 15.21 0.50
N SER B 76 14.59 15.98 -0.45
CA SER B 76 13.93 17.22 -0.82
C SER B 76 12.64 16.99 -1.61
N ASP B 77 12.39 15.78 -2.10
CA ASP B 77 11.14 15.50 -2.79
C ASP B 77 9.98 15.25 -1.82
N LEU B 78 10.23 15.18 -0.52
CA LEU B 78 9.20 14.88 0.46
C LEU B 78 8.74 16.15 1.17
N THR B 79 7.81 16.00 2.09
CA THR B 79 7.15 17.14 2.73
C THR B 79 8.03 17.71 3.83
N PRO B 80 8.47 18.97 3.71
CA PRO B 80 9.46 19.53 4.65
C PRO B 80 8.98 19.55 6.10
N GLY B 81 9.91 19.22 7.00
CA GLY B 81 9.67 19.34 8.43
C GLY B 81 8.91 18.21 9.09
N LEU B 82 8.54 17.17 8.36
CA LEU B 82 7.80 16.05 8.93
C LEU B 82 8.77 14.93 9.32
N LYS B 83 8.34 14.10 10.27
CA LYS B 83 9.07 12.87 10.55
C LYS B 83 8.54 11.78 9.63
N TYR B 84 9.47 11.07 8.99
CA TYR B 84 9.17 10.01 8.04
C TYR B 84 9.68 8.69 8.60
N GLN B 85 9.01 7.62 8.20
CA GLN B 85 9.34 6.26 8.56
C GLN B 85 9.56 5.46 7.28
N VAL B 86 10.64 4.67 7.24
CA VAL B 86 10.93 3.81 6.09
C VAL B 86 10.54 2.39 6.46
N LEU B 87 9.72 1.76 5.62
CA LEU B 87 9.27 0.38 5.82
C LEU B 87 9.72 -0.51 4.67
N TYR B 88 9.91 -1.79 4.97
CA TYR B 88 10.02 -2.83 3.96
C TYR B 88 8.91 -3.85 4.20
N MET B 89 8.10 -4.10 3.18
CA MET B 89 7.03 -5.10 3.26
C MET B 89 7.63 -6.39 2.70
N ILE B 90 7.63 -7.47 3.49
CA ILE B 90 8.29 -8.70 3.08
C ILE B 90 7.39 -9.90 3.37
N MET B 91 7.81 -11.06 2.87
N MET B 91 7.79 -11.05 2.82
CA MET B 91 7.12 -12.31 3.12
CA MET B 91 7.16 -12.32 3.12
C MET B 91 8.16 -13.42 3.07
C MET B 91 8.27 -13.36 3.22
N VAL B 92 7.97 -14.45 3.92
CA VAL B 92 8.81 -15.64 3.85
C VAL B 92 7.90 -16.81 3.49
N GLU B 93 8.45 -17.77 2.75
CA GLU B 93 7.71 -18.89 2.17
C GLU B 93 8.61 -20.13 2.16
N ASP B 94 7.98 -21.31 2.26
CA ASP B 94 8.72 -22.56 2.07
C ASP B 94 9.18 -22.68 0.61
N PRO B 95 10.39 -23.20 0.37
CA PRO B 95 11.42 -23.58 1.34
C PRO B 95 12.18 -22.37 1.87
N LEU B 96 12.30 -22.29 3.18
CA LEU B 96 13.16 -21.32 3.86
C LEU B 96 14.45 -22.02 4.26
N GLU B 97 15.59 -21.36 4.07
CA GLU B 97 16.86 -22.00 4.43
C GLU B 97 17.92 -20.93 4.66
N GLY B 98 18.85 -21.21 5.59
CA GLY B 98 20.04 -20.41 5.78
C GLY B 98 19.92 -19.28 6.77
N TRP B 99 18.73 -19.03 7.33
CA TRP B 99 18.51 -17.82 8.11
C TRP B 99 18.73 -17.99 9.60
N GLU B 100 18.96 -19.21 10.08
CA GLU B 100 19.14 -19.45 11.50
C GLU B 100 20.31 -18.60 12.04
N ASN B 101 20.00 -17.73 13.01
CA ASN B 101 20.96 -16.87 13.71
C ASN B 101 21.67 -15.89 12.78
N CYS B 102 21.12 -15.64 11.61
CA CYS B 102 21.60 -14.64 10.66
C CYS B 102 20.45 -13.69 10.33
N PRO B 103 20.10 -12.80 11.26
CA PRO B 103 18.94 -11.92 11.05
C PRO B 103 19.10 -11.03 9.83
N LEU B 104 17.98 -10.78 9.16
CA LEU B 104 17.96 -9.83 8.06
C LEU B 104 18.21 -8.43 8.62
N LYS B 105 19.18 -7.74 8.06
CA LYS B 105 19.54 -6.40 8.54
C LYS B 105 18.82 -5.35 7.72
N LEU B 106 18.10 -4.47 8.39
CA LEU B 106 17.48 -3.32 7.75
C LEU B 106 18.26 -2.07 8.16
N ARG B 107 18.52 -1.19 7.20
CA ARG B 107 19.38 -0.04 7.47
C ARG B 107 18.85 1.18 6.74
N VAL B 108 18.82 2.32 7.43
CA VAL B 108 18.59 3.62 6.82
C VAL B 108 19.87 4.44 7.03
N THR B 109 20.41 4.99 5.94
CA THR B 109 21.54 5.92 6.07
C THR B 109 21.14 7.28 5.51
N LEU B 110 21.55 8.32 6.20
CA LEU B 110 21.21 9.71 5.92
C LEU B 110 22.39 10.42 5.25
N PRO B 111 22.17 11.60 4.64
CA PRO B 111 23.28 12.28 3.95
C PRO B 111 24.42 12.66 4.89
N ASP B 112 24.13 12.95 6.15
CA ASP B 112 25.19 13.21 7.11
C ASP B 112 25.99 11.95 7.49
N GLY B 113 25.76 10.80 6.85
CA GLY B 113 26.54 9.60 7.09
C GLY B 113 26.08 8.75 8.25
N SER B 114 25.15 9.23 9.09
CA SER B 114 24.67 8.42 10.19
C SER B 114 23.79 7.28 9.69
N SER B 115 23.72 6.21 10.49
CA SER B 115 23.04 4.98 10.12
C SER B 115 22.16 4.50 11.27
N GLN B 116 21.03 3.90 10.90
CA GLN B 116 20.16 3.16 11.82
C GLN B 116 20.03 1.74 11.28
N THR B 117 20.30 0.73 12.10
CA THR B 117 20.17 -0.65 11.66
C THR B 117 19.22 -1.39 12.59
N GLN B 118 18.28 -2.13 12.01
CA GLN B 118 17.42 -3.05 12.73
C GLN B 118 17.73 -4.46 12.23
N GLN B 119 17.36 -5.45 13.03
CA GLN B 119 17.53 -6.85 12.67
C GLN B 119 16.20 -7.56 12.80
N VAL B 120 15.92 -8.48 11.88
CA VAL B 120 14.69 -9.27 11.89
C VAL B 120 15.07 -10.73 11.75
N ASP B 121 14.64 -11.53 12.71
CA ASP B 121 14.90 -12.98 12.71
C ASP B 121 13.81 -13.63 11.86
N LEU B 122 14.17 -14.01 10.63
CA LEU B 122 13.20 -14.55 9.68
C LEU B 122 12.64 -15.89 10.14
N CYS B 123 13.42 -16.64 10.93
CA CYS B 123 12.95 -17.94 11.41
C CYS B 123 11.76 -17.84 12.35
N LYS B 124 11.46 -16.65 12.87
CA LYS B 124 10.36 -16.48 13.80
C LYS B 124 9.11 -15.94 13.14
N LEU B 125 9.17 -15.61 11.85
CA LEU B 125 8.03 -15.02 11.17
C LEU B 125 7.05 -16.10 10.71
N PRO B 126 5.75 -15.80 10.69
CA PRO B 126 4.79 -16.75 10.11
C PRO B 126 4.90 -16.74 8.59
N LYS B 127 5.00 -17.93 8.00
CA LYS B 127 5.17 -18.00 6.56
C LYS B 127 3.89 -17.60 5.83
N GLY B 128 4.04 -16.90 4.72
CA GLY B 128 2.92 -16.49 3.90
C GLY B 128 2.29 -15.17 4.30
N GLN B 129 2.57 -14.67 5.50
CA GLN B 129 1.97 -13.40 5.90
C GLN B 129 2.79 -12.24 5.35
N LEU B 130 2.10 -11.21 4.89
CA LEU B 130 2.76 -9.97 4.53
C LEU B 130 3.18 -9.25 5.79
N ILE B 131 4.45 -8.87 5.88
CA ILE B 131 5.06 -8.42 7.13
C ILE B 131 5.59 -7.01 6.92
N MET B 132 5.16 -6.09 7.78
CA MET B 132 5.69 -4.73 7.78
C MET B 132 6.86 -4.65 8.75
N THR B 133 8.05 -4.38 8.22
CA THR B 133 9.23 -4.18 9.04
C THR B 133 9.65 -2.72 8.96
N VAL B 134 10.15 -2.17 10.06
CA VAL B 134 10.55 -0.77 10.12
C VAL B 134 12.06 -0.69 9.91
N ALA B 135 12.49 0.01 8.88
CA ALA B 135 13.92 0.16 8.66
C ALA B 135 14.50 1.31 9.47
N GLY B 136 13.71 2.35 9.73
CA GLY B 136 14.19 3.47 10.50
C GLY B 136 13.34 4.71 10.25
N TYR B 137 13.79 5.82 10.84
CA TYR B 137 13.08 7.09 10.83
C TYR B 137 14.03 8.19 10.41
N PHE B 138 13.47 9.25 9.82
CA PHE B 138 14.27 10.42 9.51
C PHE B 138 13.37 11.64 9.44
N ASP B 139 13.98 12.80 9.71
CA ASP B 139 13.29 14.08 9.57
C ASP B 139 13.49 14.61 8.15
N CYS B 140 12.42 15.13 7.57
CA CYS B 140 12.55 15.65 6.21
C CYS B 140 13.08 17.08 6.29
N VAL B 141 14.41 17.20 6.36
CA VAL B 141 15.10 18.49 6.34
C VAL B 141 16.28 18.37 5.38
N GLY B 142 16.67 19.51 4.81
CA GLY B 142 17.85 19.52 3.98
C GLY B 142 17.67 18.79 2.66
N ASP B 143 18.80 18.44 2.07
CA ASP B 143 18.88 17.90 0.72
C ASP B 143 19.49 16.49 0.77
N GLY B 144 19.81 15.96 -0.40
CA GLY B 144 20.47 14.67 -0.45
C GLY B 144 19.48 13.53 -0.51
N GLU B 145 20.02 12.31 -0.42
CA GLU B 145 19.24 11.09 -0.58
C GLU B 145 19.25 10.28 0.70
N VAL B 146 18.07 9.77 1.09
CA VAL B 146 18.00 8.74 2.12
C VAL B 146 18.16 7.40 1.42
N ILE B 147 18.93 6.50 2.01
CA ILE B 147 19.23 5.21 1.42
C ILE B 147 18.75 4.13 2.38
N PHE B 148 17.98 3.16 1.88
CA PHE B 148 17.33 2.21 2.75
C PHE B 148 17.49 0.81 2.17
N SER B 149 17.98 -0.12 2.99
CA SER B 149 18.53 -1.37 2.50
C SER B 149 18.07 -2.55 3.35
N VAL B 150 18.05 -3.75 2.74
CA VAL B 150 18.01 -5.02 3.48
C VAL B 150 19.25 -5.82 3.08
N ILE B 151 19.92 -6.39 4.07
CA ILE B 151 21.25 -6.97 3.88
C ILE B 151 21.38 -8.25 4.70
N GLU B 152 21.92 -9.30 4.08
CA GLU B 152 22.43 -10.44 4.84
C GLU B 152 23.53 -11.06 3.98
N THR B 153 24.79 -10.90 4.39
CA THR B 153 25.90 -11.45 3.60
C THR B 153 26.77 -12.40 4.42
N SER B 154 26.19 -13.13 5.37
CA SER B 154 26.93 -14.21 6.03
C SER B 154 27.22 -15.36 5.06
N ASP B 155 28.17 -16.22 5.46
CA ASP B 155 28.68 -17.30 4.61
C ASP B 155 27.78 -18.54 4.68
N VAL B 156 26.55 -18.38 4.19
CA VAL B 156 25.54 -19.44 4.27
C VAL B 156 24.47 -19.19 3.20
N VAL B 157 24.10 -20.24 2.46
CA VAL B 157 23.15 -20.07 1.36
C VAL B 157 21.75 -19.84 1.93
N LYS B 158 21.09 -18.78 1.46
CA LYS B 158 19.76 -18.39 1.96
C LYS B 158 18.71 -18.47 0.87
N LYS B 159 17.48 -18.83 1.25
CA LYS B 159 16.39 -18.81 0.30
C LYS B 159 15.09 -18.56 1.05
N GLY B 160 14.05 -18.18 0.30
CA GLY B 160 12.71 -18.10 0.84
C GLY B 160 12.20 -16.72 1.21
N LEU B 161 13.00 -15.67 1.00
CA LEU B 161 12.57 -14.30 1.29
C LEU B 161 11.96 -13.68 0.04
N VAL B 162 10.81 -13.01 0.21
CA VAL B 162 10.16 -12.25 -0.86
C VAL B 162 10.05 -10.79 -0.42
N ILE B 163 10.41 -9.86 -1.30
CA ILE B 163 10.26 -8.44 -1.01
C ILE B 163 9.06 -7.93 -1.80
N LYS B 164 8.05 -7.40 -1.10
CA LYS B 164 6.90 -6.85 -1.80
C LYS B 164 7.15 -5.42 -2.25
N ASP B 165 7.60 -4.55 -1.34
CA ASP B 165 7.98 -3.18 -1.71
C ASP B 165 8.67 -2.50 -0.53
N ALA B 166 9.13 -1.27 -0.77
CA ALA B 166 9.54 -0.36 0.29
C ALA B 166 8.57 0.82 0.32
N VAL B 167 8.39 1.38 1.51
CA VAL B 167 7.44 2.46 1.75
C VAL B 167 8.16 3.56 2.53
N ILE B 168 7.95 4.81 2.12
CA ILE B 168 8.41 5.96 2.90
C ILE B 168 7.16 6.74 3.28
N ARG B 169 6.75 6.65 4.56
CA ARG B 169 5.48 7.26 4.91
C ARG B 169 5.65 8.35 5.97
N PRO B 170 4.90 9.42 5.85
CA PRO B 170 4.96 10.48 6.86
C PRO B 170 4.19 10.08 8.11
N LEU B 171 4.59 10.68 9.23
CA LEU B 171 3.85 10.53 10.49
C LEU B 171 3.11 11.83 10.77
N PRO B 172 1.89 12.01 10.25
CA PRO B 172 1.24 13.32 10.31
C PRO B 172 0.51 13.51 11.63
N PRO B 173 0.05 14.74 11.93
CA PRO B 173 -0.77 14.90 13.13
C PRO B 173 -2.22 14.45 12.93
#